data_5ZLZ
#
_entry.id   5ZLZ
#
_cell.length_a   49.852
_cell.length_b   67.186
_cell.length_c   212.591
_cell.angle_alpha   90.00
_cell.angle_beta   90.00
_cell.angle_gamma   90.00
#
_symmetry.space_group_name_H-M   'P 21 21 21'
#
loop_
_entity.id
_entity.type
_entity.pdbx_description
1 polymer 'Plasminogen activator inhibitor 1'
2 polymer 'Tissue-type plasminogen activator'
3 non-polymer GLYCEROL
#
loop_
_entity_poly.entity_id
_entity_poly.type
_entity_poly.pdbx_seq_one_letter_code
_entity_poly.pdbx_strand_id
1 'polypeptide(L)'
;SYVAHLASDFGVRVFQQVAQASKDRNVVFSPYGVASVLAMLQLTTGGETQQQIQAAMGFKIDDKGMAPALRHLYKELMGP
WNKDEISTTDAIFVQRDLKLVQGFMPHFFRLFRSTVKQVDFSEVERARFIINDWVKTHTKGMISHLLGTGAVDQLTRLVL
VNALYFNGQWKTPFPDSSTHRRLFHKSDGSTVSVPMMAQTNKFNYTEFTTPDGHYYDILELPYHGDTLSMFIAAPYEKEV
PLSALTNILSAQLISHWKGNMTRLPRLLVLPKFSLETEVDLRKPLENLGMTDMFRQFQADFTSLSDQEPLHVALALQKVK
IEVNESGTVASSSTAVIVSARMAPEEIIIDRPFLFVVRHNPTGTVLFMGQVMEP
;
I
2 'polypeptide(L)'
;IKGGLFADIASHPWQAAIFAKHRRSPGERFLCGGILISSCWILSAAHCFQERFPPHHLTVILGRTYRVVPGEEEQKFEVE
KYIVHKEFDDDTYDNDIALLQLKSDSSRCAQESSVVRTVALPPADLQLPDWTECELSGYGKHEALSPEYSERLKEAHVRL
YPSSRCTSQHLLQRTVTDNMLCAGDTRSGGPQANLHDACQGDAGGPLVCLNDGRMTLVGIISWGLGCGQKDVPGVYTKVT
NYLDWIRDNMR
;
E
#
# COMPACT_ATOMS: atom_id res chain seq x y z
N SER A 1 14.79 24.37 -4.49
CA SER A 1 14.07 23.29 -3.82
C SER A 1 14.54 23.10 -2.39
N TYR A 2 15.49 23.92 -1.96
CA TYR A 2 16.01 23.83 -0.60
C TYR A 2 14.96 24.18 0.45
N VAL A 3 13.82 24.71 0.03
CA VAL A 3 12.74 25.00 0.96
C VAL A 3 11.87 23.77 1.22
N ALA A 4 11.68 22.93 0.21
CA ALA A 4 10.85 21.74 0.35
C ALA A 4 11.30 20.86 1.50
N HIS A 5 12.51 20.30 1.40
CA HIS A 5 13.02 19.40 2.44
C HIS A 5 13.30 20.11 3.75
N LEU A 6 13.23 21.45 3.79
CA LEU A 6 13.45 22.22 5.02
C LEU A 6 12.15 22.62 5.69
N ALA A 7 11.18 23.12 4.93
CA ALA A 7 9.90 23.48 5.51
C ALA A 7 9.18 22.25 6.06
N SER A 8 9.26 21.12 5.33
CA SER A 8 8.66 19.89 5.84
C SER A 8 9.35 19.41 7.10
N ASP A 9 10.65 19.66 7.23
CA ASP A 9 11.35 19.35 8.46
C ASP A 9 10.75 20.09 9.65
N PHE A 10 10.20 21.28 9.42
CA PHE A 10 9.58 22.02 10.50
C PHE A 10 8.26 21.37 10.92
N GLY A 11 7.39 21.09 9.94
CA GLY A 11 6.08 20.53 10.25
C GLY A 11 6.14 19.20 10.98
N VAL A 12 7.22 18.45 10.79
CA VAL A 12 7.36 17.18 11.51
C VAL A 12 7.56 17.43 13.00
N ARG A 13 8.34 18.46 13.35
CA ARG A 13 8.47 18.81 14.75
C ARG A 13 7.20 19.44 15.32
N VAL A 14 6.30 19.92 14.45
CA VAL A 14 5.00 20.39 14.89
C VAL A 14 4.04 19.21 14.88
N PHE A 15 4.59 18.01 14.74
CA PHE A 15 3.83 16.77 14.87
C PHE A 15 4.26 15.93 16.05
N GLN A 16 5.56 15.88 16.35
CA GLN A 16 6.03 15.14 17.51
C GLN A 16 5.38 15.66 18.79
N GLN A 17 5.16 16.98 18.87
CA GLN A 17 4.49 17.54 20.03
C GLN A 17 3.01 17.18 20.03
N VAL A 18 2.38 17.10 18.85
CA VAL A 18 0.96 16.81 18.80
C VAL A 18 0.69 15.35 19.12
N ALA A 19 1.58 14.45 18.68
CA ALA A 19 1.35 13.03 18.90
C ALA A 19 1.57 12.65 20.36
N GLN A 20 2.62 13.18 20.98
CA GLN A 20 2.89 12.85 22.38
C GLN A 20 1.80 13.33 23.31
N ALA A 21 1.00 14.32 22.88
CA ALA A 21 -0.09 14.83 23.70
C ALA A 21 -1.41 14.13 23.42
N SER A 22 -1.61 13.63 22.20
CA SER A 22 -2.77 12.78 21.93
C SER A 22 -2.59 11.40 22.54
N LYS A 23 -1.35 11.00 22.82
CA LYS A 23 -1.02 9.78 23.55
C LYS A 23 -1.49 8.53 22.81
N ASP A 24 -2.76 8.51 22.40
CA ASP A 24 -3.35 7.39 21.67
C ASP A 24 -4.62 7.86 20.99
N ARG A 25 -4.50 8.52 19.84
CA ARG A 25 -5.66 9.11 19.19
C ARG A 25 -5.52 9.07 17.69
N ASN A 26 -6.66 9.14 17.02
CA ASN A 26 -6.71 9.27 15.56
C ASN A 26 -6.31 10.68 15.17
N VAL A 27 -5.03 10.87 14.88
CA VAL A 27 -4.48 12.18 14.56
C VAL A 27 -4.19 12.25 13.08
N VAL A 28 -4.54 13.38 12.46
CA VAL A 28 -4.16 13.70 11.09
C VAL A 28 -3.64 15.13 11.08
N PHE A 29 -2.54 15.35 10.37
CA PHE A 29 -1.85 16.63 10.45
C PHE A 29 -1.04 16.86 9.19
N SER A 30 -1.05 18.09 8.71
CA SER A 30 -0.33 18.44 7.49
C SER A 30 0.93 19.21 7.88
N PRO A 31 2.12 18.65 7.66
CA PRO A 31 3.34 19.44 7.93
C PRO A 31 3.48 20.62 7.00
N TYR A 32 3.01 20.51 5.76
CA TYR A 32 3.05 21.66 4.85
C TYR A 32 2.12 22.77 5.31
N GLY A 33 1.00 22.41 5.92
CA GLY A 33 0.05 23.43 6.35
C GLY A 33 0.61 24.33 7.43
N VAL A 34 1.20 23.73 8.48
CA VAL A 34 1.77 24.53 9.55
C VAL A 34 2.97 25.32 9.05
N ALA A 35 3.68 24.80 8.04
CA ALA A 35 4.83 25.52 7.51
C ALA A 35 4.41 26.66 6.59
N SER A 36 3.41 26.43 5.74
CA SER A 36 2.99 27.45 4.78
C SER A 36 2.39 28.68 5.46
N VAL A 37 1.99 28.56 6.73
CA VAL A 37 1.39 29.68 7.44
C VAL A 37 2.39 30.36 8.36
N LEU A 38 3.31 29.60 8.96
CA LEU A 38 4.30 30.21 9.85
C LEU A 38 5.23 31.13 9.07
N ALA A 39 5.62 30.74 7.86
CA ALA A 39 6.43 31.62 7.03
C ALA A 39 5.67 32.87 6.61
N MET A 40 4.35 32.78 6.51
CA MET A 40 3.54 33.98 6.26
C MET A 40 3.52 34.87 7.49
N LEU A 41 3.28 34.28 8.67
CA LEU A 41 3.36 35.03 9.91
C LEU A 41 4.79 35.49 10.19
N GLN A 42 5.78 34.83 9.59
CA GLN A 42 7.17 35.24 9.77
C GLN A 42 7.40 36.65 9.22
N LEU A 43 6.74 36.99 8.11
CA LEU A 43 6.90 38.32 7.53
C LEU A 43 6.37 39.41 8.45
N THR A 44 5.44 39.08 9.35
CA THR A 44 4.79 40.05 10.21
C THR A 44 5.36 40.05 11.62
N THR A 45 6.58 39.57 11.81
CA THR A 45 7.18 39.48 13.14
C THR A 45 8.49 40.25 13.18
N GLY A 46 8.93 40.55 14.40
CA GLY A 46 10.20 41.20 14.65
C GLY A 46 10.72 40.79 16.01
N GLY A 47 11.88 41.32 16.36
CA GLY A 47 12.43 41.10 17.68
C GLY A 47 12.61 39.62 17.99
N GLU A 48 12.18 39.23 19.19
CA GLU A 48 12.30 37.83 19.60
C GLU A 48 11.27 36.96 18.89
N THR A 49 10.03 37.46 18.75
CA THR A 49 8.98 36.68 18.11
C THR A 49 9.38 36.26 16.71
N GLN A 50 10.12 37.11 16.00
CA GLN A 50 10.68 36.71 14.71
C GLN A 50 11.72 35.63 14.89
N GLN A 51 12.66 35.82 15.82
CA GLN A 51 13.67 34.80 16.09
C GLN A 51 13.06 33.55 16.71
N GLN A 52 11.98 33.69 17.47
CA GLN A 52 11.35 32.53 18.10
C GLN A 52 10.88 31.53 17.05
N ILE A 53 10.44 32.00 15.89
CA ILE A 53 9.99 31.10 14.83
C ILE A 53 11.02 30.92 13.73
N GLN A 54 11.92 31.89 13.53
CA GLN A 54 12.97 31.72 12.52
C GLN A 54 14.01 30.71 12.97
N ALA A 55 14.28 30.64 14.28
CA ALA A 55 15.17 29.61 14.81
C ALA A 55 14.49 28.25 14.87
N ALA A 56 13.16 28.21 14.91
CA ALA A 56 12.45 26.93 14.90
C ALA A 56 12.33 26.38 13.48
N MET A 57 12.06 27.24 12.51
CA MET A 57 11.98 26.79 11.12
C MET A 57 13.37 26.50 10.57
N GLY A 58 14.31 27.42 10.77
CA GLY A 58 15.66 27.25 10.31
C GLY A 58 16.05 28.02 9.07
N PHE A 59 15.34 29.11 8.76
CA PHE A 59 15.65 29.94 7.60
C PHE A 59 14.84 31.22 7.71
N LYS A 60 15.01 32.10 6.72
CA LYS A 60 14.25 33.34 6.61
C LYS A 60 13.50 33.36 5.28
N ILE A 61 12.59 34.33 5.16
CA ILE A 61 11.79 34.50 3.97
C ILE A 61 12.20 35.74 3.17
N ASP A 62 12.58 36.81 3.85
CA ASP A 62 13.01 38.02 3.15
C ASP A 62 14.32 37.84 2.40
N ASP A 63 15.05 36.75 2.66
CA ASP A 63 16.29 36.49 1.95
C ASP A 63 16.00 35.87 0.60
N LYS A 64 16.96 36.03 -0.31
CA LYS A 64 16.76 35.66 -1.71
C LYS A 64 16.61 34.15 -1.86
N GLY A 65 15.67 33.74 -2.71
CA GLY A 65 15.51 32.34 -3.05
C GLY A 65 14.42 31.62 -2.29
N MET A 66 14.29 31.91 -1.01
CA MET A 66 13.38 31.18 -0.14
C MET A 66 11.98 31.77 -0.11
N ALA A 67 11.79 33.00 -0.58
CA ALA A 67 10.46 33.60 -0.63
C ALA A 67 9.66 33.09 -1.82
N PRO A 68 10.20 33.15 -3.06
CA PRO A 68 9.43 32.62 -4.20
C PRO A 68 9.28 31.10 -4.19
N ALA A 69 9.98 30.40 -3.31
CA ALA A 69 9.89 28.95 -3.28
C ALA A 69 8.53 28.48 -2.79
N LEU A 70 7.95 29.21 -1.83
CA LEU A 70 6.61 28.85 -1.36
C LEU A 70 5.57 29.02 -2.45
N ARG A 71 5.75 30.02 -3.33
CA ARG A 71 4.84 30.19 -4.45
C ARG A 71 4.92 28.99 -5.40
N HIS A 72 6.13 28.48 -5.64
CA HIS A 72 6.29 27.40 -6.59
C HIS A 72 5.71 26.10 -6.05
N LEU A 73 5.85 25.86 -4.75
CA LEU A 73 5.15 24.74 -4.12
C LEU A 73 3.64 24.90 -4.28
N TYR A 74 3.10 26.04 -3.83
CA TYR A 74 1.68 26.30 -3.93
C TYR A 74 1.20 26.26 -5.39
N LYS A 75 2.08 26.53 -6.34
CA LYS A 75 1.74 26.47 -7.76
C LYS A 75 1.88 25.05 -8.33
N GLU A 76 3.01 24.39 -8.07
CA GLU A 76 3.22 23.05 -8.61
C GLU A 76 2.28 22.05 -7.95
N LEU A 77 2.18 22.09 -6.62
CA LEU A 77 1.29 21.17 -5.91
C LEU A 77 -0.16 21.33 -6.33
N MET A 78 -0.52 22.45 -6.93
CA MET A 78 -1.88 22.66 -7.43
C MET A 78 -1.85 23.15 -8.87
N TRP A 81 1.37 17.47 -8.06
CA TRP A 81 0.35 17.66 -9.09
C TRP A 81 -1.03 17.33 -8.53
N ASN A 82 -2.07 17.67 -9.29
CA ASN A 82 -3.43 17.60 -8.79
C ASN A 82 -4.37 17.03 -9.83
N LYS A 83 -5.34 16.25 -9.36
CA LYS A 83 -6.48 15.81 -10.16
C LYS A 83 -7.71 15.84 -9.23
N ASP A 84 -7.94 17.03 -8.66
CA ASP A 84 -9.03 17.27 -7.71
C ASP A 84 -8.89 16.34 -6.49
N GLU A 85 -7.90 16.69 -5.64
CA GLU A 85 -7.59 15.86 -4.48
C GLU A 85 -7.28 16.70 -3.24
N ILE A 86 -6.51 17.76 -3.39
CA ILE A 86 -6.02 18.53 -2.25
C ILE A 86 -6.68 19.92 -2.24
N SER A 87 -6.46 20.64 -1.14
CA SER A 87 -7.02 21.97 -0.96
C SER A 87 -6.05 22.78 -0.08
N THR A 88 -5.09 23.43 -0.72
CA THR A 88 -4.10 24.24 -0.02
C THR A 88 -4.62 25.67 0.10
N THR A 89 -4.77 26.15 1.33
CA THR A 89 -5.25 27.51 1.55
C THR A 89 -4.65 28.07 2.83
N ASP A 90 -4.36 29.36 2.82
CA ASP A 90 -3.85 30.08 3.98
C ASP A 90 -4.83 31.20 4.32
N ALA A 91 -4.93 31.52 5.61
CA ALA A 91 -5.92 32.50 6.05
C ALA A 91 -5.43 33.18 7.33
N ILE A 92 -5.13 34.47 7.24
CA ILE A 92 -4.86 35.31 8.40
C ILE A 92 -6.01 36.31 8.52
N PHE A 93 -6.59 36.39 9.71
CA PHE A 93 -7.73 37.25 9.97
C PHE A 93 -7.36 38.35 10.96
N VAL A 94 -7.94 39.53 10.75
CA VAL A 94 -7.57 40.71 11.51
C VAL A 94 -8.73 41.69 11.48
N GLN A 95 -8.72 42.64 12.41
CA GLN A 95 -9.72 43.72 12.41
C GLN A 95 -9.62 44.54 11.13
N ARG A 96 -10.68 45.28 10.85
CA ARG A 96 -10.66 46.26 9.78
C ARG A 96 -10.32 47.63 10.35
N ASP A 97 -9.74 48.48 9.49
CA ASP A 97 -9.33 49.84 9.86
C ASP A 97 -8.29 49.82 10.99
N LEU A 98 -7.10 49.36 10.62
CA LEU A 98 -5.95 49.33 11.51
C LEU A 98 -4.75 49.94 10.79
N LYS A 99 -3.79 50.42 11.57
CA LYS A 99 -2.64 51.13 11.02
C LYS A 99 -1.62 50.12 10.50
N LEU A 100 -1.43 50.11 9.19
CA LEU A 100 -0.44 49.25 8.54
C LEU A 100 0.79 50.09 8.18
N VAL A 101 1.96 49.43 8.16
CA VAL A 101 3.18 50.13 7.84
C VAL A 101 3.18 50.56 6.38
N GLN A 102 3.77 51.72 6.10
CA GLN A 102 3.87 52.21 4.74
C GLN A 102 4.99 51.45 4.03
N GLY A 103 4.61 50.58 3.11
CA GLY A 103 5.55 49.70 2.45
C GLY A 103 5.50 48.25 2.89
N PHE A 104 4.39 47.81 3.46
CA PHE A 104 4.25 46.44 3.94
C PHE A 104 3.25 45.62 3.14
N MET A 105 2.03 46.11 2.97
CA MET A 105 1.05 45.37 2.19
C MET A 105 1.53 45.04 0.78
N PRO A 106 2.28 45.91 0.08
CA PRO A 106 3.00 45.43 -1.11
C PRO A 106 3.93 44.27 -0.82
N HIS A 107 4.67 44.33 0.29
CA HIS A 107 5.70 43.34 0.57
C HIS A 107 5.11 41.96 0.85
N PHE A 108 3.88 41.91 1.38
CA PHE A 108 3.26 40.61 1.67
C PHE A 108 2.71 39.96 0.41
N PHE A 109 1.96 40.74 -0.39
CA PHE A 109 1.32 40.18 -1.57
C PHE A 109 2.33 39.66 -2.58
N ARG A 110 3.53 40.24 -2.62
CA ARG A 110 4.49 39.89 -3.65
C ARG A 110 5.13 38.54 -3.41
N LEU A 111 5.49 38.22 -2.16
CA LEU A 111 6.29 37.03 -1.88
C LEU A 111 5.47 35.75 -1.77
N PHE A 112 4.16 35.84 -1.55
CA PHE A 112 3.34 34.66 -1.30
C PHE A 112 2.32 34.36 -2.38
N ARG A 113 2.12 35.28 -3.34
CA ARG A 113 1.05 35.14 -4.34
C ARG A 113 -0.31 34.96 -3.67
N SER A 114 -0.44 35.51 -2.46
CA SER A 114 -1.68 35.46 -1.70
C SER A 114 -1.94 36.85 -1.11
N THR A 115 -2.99 36.95 -0.31
CA THR A 115 -3.40 38.23 0.25
C THR A 115 -3.73 38.07 1.72
N VAL A 116 -3.94 39.20 2.38
CA VAL A 116 -4.46 39.24 3.74
C VAL A 116 -5.97 39.31 3.68
N LYS A 117 -6.64 38.62 4.60
CA LYS A 117 -8.10 38.50 4.60
C LYS A 117 -8.67 39.44 5.65
N GLN A 118 -9.38 40.47 5.21
CA GLN A 118 -9.96 41.47 6.09
C GLN A 118 -11.32 41.01 6.58
N VAL A 119 -11.49 40.94 7.90
CA VAL A 119 -12.74 40.54 8.53
C VAL A 119 -13.06 41.51 9.66
N ASP A 120 -14.15 41.24 10.37
CA ASP A 120 -14.66 42.10 11.42
C ASP A 120 -14.91 41.28 12.68
N PHE A 121 -14.32 41.72 13.79
CA PHE A 121 -14.46 41.00 15.06
C PHE A 121 -15.56 41.58 15.94
N SER A 122 -15.98 42.83 15.71
CA SER A 122 -17.09 43.39 16.45
C SER A 122 -18.36 42.57 16.25
N GLU A 123 -18.70 42.31 14.98
CA GLU A 123 -19.78 41.37 14.64
C GLU A 123 -19.21 39.96 14.83
N VAL A 124 -19.27 39.47 16.06
CA VAL A 124 -18.79 38.13 16.35
C VAL A 124 -19.65 37.08 15.66
N GLU A 125 -20.91 37.41 15.35
CA GLU A 125 -21.79 36.47 14.66
C GLU A 125 -21.35 36.24 13.22
N ARG A 126 -21.24 37.31 12.44
CA ARG A 126 -20.86 37.19 11.03
C ARG A 126 -19.38 36.90 10.86
N ALA A 127 -18.58 36.96 11.93
CA ALA A 127 -17.19 36.54 11.84
C ALA A 127 -17.07 35.03 11.71
N ARG A 128 -17.84 34.29 12.52
CA ARG A 128 -17.84 32.83 12.42
C ARG A 128 -18.34 32.34 11.07
N PHE A 129 -19.15 33.15 10.37
CA PHE A 129 -19.66 32.75 9.06
C PHE A 129 -18.64 33.00 7.97
N ILE A 130 -18.04 34.19 7.94
CA ILE A 130 -17.05 34.51 6.92
C ILE A 130 -15.83 33.61 7.07
N ILE A 131 -15.44 33.31 8.30
CA ILE A 131 -14.31 32.40 8.53
C ILE A 131 -14.64 31.01 8.00
N ASN A 132 -15.77 30.45 8.43
CA ASN A 132 -16.13 29.09 8.02
C ASN A 132 -16.44 29.01 6.54
N ASP A 133 -17.03 30.06 5.95
CA ASP A 133 -17.31 30.05 4.52
C ASP A 133 -16.09 30.39 3.68
N TRP A 134 -15.07 31.03 4.27
CA TRP A 134 -13.77 31.09 3.61
C TRP A 134 -13.11 29.72 3.61
N VAL A 135 -13.46 28.88 4.57
CA VAL A 135 -12.98 27.50 4.61
C VAL A 135 -13.87 26.58 3.78
N LYS A 136 -15.19 26.82 3.81
CA LYS A 136 -16.11 26.01 3.02
C LYS A 136 -15.79 26.10 1.53
N THR A 137 -15.38 27.27 1.07
CA THR A 137 -15.03 27.45 -0.33
C THR A 137 -13.58 27.10 -0.65
N HIS A 138 -12.73 26.95 0.37
CA HIS A 138 -11.32 26.65 0.17
C HIS A 138 -10.94 25.24 0.60
N THR A 139 -11.92 24.41 0.95
CA THR A 139 -11.68 22.99 1.24
C THR A 139 -12.60 22.09 0.41
N LYS A 140 -13.14 22.61 -0.70
CA LYS A 140 -14.06 21.87 -1.55
C LYS A 140 -15.27 21.37 -0.76
N GLY A 141 -15.73 22.18 0.19
CA GLY A 141 -16.93 21.89 0.94
C GLY A 141 -16.83 20.78 1.96
N MET A 142 -15.72 20.05 2.00
CA MET A 142 -15.60 18.94 2.93
C MET A 142 -15.33 19.38 4.36
N ILE A 143 -15.00 20.66 4.58
CA ILE A 143 -14.81 21.19 5.92
C ILE A 143 -15.53 22.54 6.01
N SER A 144 -16.69 22.55 6.65
CA SER A 144 -17.52 23.75 6.74
C SER A 144 -17.62 24.27 8.17
N HIS A 145 -18.19 23.49 9.09
CA HIS A 145 -18.33 23.93 10.48
C HIS A 145 -16.99 23.83 11.19
N LEU A 146 -16.79 24.73 12.14
CA LEU A 146 -15.55 24.78 12.92
C LEU A 146 -15.88 24.74 14.40
N LEU A 147 -14.90 24.27 15.18
CA LEU A 147 -15.05 24.11 16.62
C LEU A 147 -14.05 24.95 17.41
N GLY A 148 -13.53 26.02 16.79
CA GLY A 148 -12.63 26.92 17.48
C GLY A 148 -13.11 28.36 17.39
N THR A 149 -14.08 28.59 16.50
CA THR A 149 -14.66 29.91 16.34
C THR A 149 -15.48 30.36 17.53
N GLY A 150 -15.73 29.47 18.50
CA GLY A 150 -16.49 29.86 19.68
C GLY A 150 -15.69 30.71 20.64
N ALA A 151 -14.36 30.59 20.61
CA ALA A 151 -13.48 31.41 21.44
C ALA A 151 -13.33 32.83 20.91
N VAL A 152 -14.08 33.19 19.88
CA VAL A 152 -13.97 34.52 19.28
C VAL A 152 -14.80 35.51 20.09
N ASP A 153 -14.18 36.60 20.51
CA ASP A 153 -14.87 37.69 21.16
C ASP A 153 -14.54 39.00 20.46
N GLN A 154 -14.92 40.14 21.07
CA GLN A 154 -14.49 41.42 20.53
C GLN A 154 -13.02 41.69 20.85
N LEU A 155 -12.51 41.12 21.95
CA LEU A 155 -11.11 41.32 22.32
C LEU A 155 -10.17 40.60 21.37
N THR A 156 -10.60 39.48 20.79
CA THR A 156 -9.75 38.73 19.87
C THR A 156 -9.41 39.58 18.65
N ARG A 157 -8.12 39.68 18.35
CA ARG A 157 -7.64 40.58 17.31
C ARG A 157 -6.93 39.89 16.15
N LEU A 158 -6.21 38.79 16.40
CA LEU A 158 -5.46 38.11 15.35
C LEU A 158 -5.55 36.61 15.52
N VAL A 159 -5.85 35.90 14.44
CA VAL A 159 -6.03 34.45 14.46
C VAL A 159 -5.51 33.88 13.15
N LEU A 160 -4.84 32.73 13.23
CA LEU A 160 -4.27 32.05 12.08
C LEU A 160 -4.97 30.72 11.86
N VAL A 161 -5.25 30.40 10.58
CA VAL A 161 -5.99 29.20 10.21
C VAL A 161 -5.25 28.50 9.07
N ASN A 162 -5.37 27.17 9.03
CA ASN A 162 -4.91 26.38 7.89
C ASN A 162 -5.66 25.06 7.88
N ALA A 163 -6.08 24.63 6.70
CA ALA A 163 -6.87 23.40 6.59
C ALA A 163 -6.71 22.82 5.19
N LEU A 164 -6.79 21.50 5.10
CA LEU A 164 -6.69 20.80 3.83
C LEU A 164 -7.56 19.54 3.90
N TYR A 165 -8.09 19.14 2.75
CA TYR A 165 -8.83 17.89 2.60
C TYR A 165 -8.12 17.01 1.59
N PHE A 166 -8.05 15.72 1.87
CA PHE A 166 -7.29 14.80 1.04
C PHE A 166 -8.07 13.52 0.77
N ASN A 167 -8.25 13.21 -0.51
CA ASN A 167 -8.70 11.91 -0.98
C ASN A 167 -7.59 11.32 -1.85
N GLY A 168 -7.90 10.25 -2.59
CA GLY A 168 -6.85 9.68 -3.41
C GLY A 168 -7.17 8.57 -4.39
N GLN A 169 -6.71 8.75 -5.63
CA GLN A 169 -6.67 7.67 -6.61
C GLN A 169 -5.53 6.72 -6.27
N TRP A 170 -5.49 5.57 -6.95
CA TRP A 170 -4.38 4.64 -6.82
C TRP A 170 -3.87 4.26 -8.20
N LYS A 171 -2.56 4.04 -8.30
CA LYS A 171 -2.01 3.43 -9.50
C LYS A 171 -2.53 2.01 -9.67
N THR A 172 -2.84 1.35 -8.55
CA THR A 172 -3.40 -0.01 -8.57
C THR A 172 -4.46 -0.06 -7.47
N PRO A 173 -5.69 0.34 -7.79
CA PRO A 173 -6.69 0.54 -6.74
C PRO A 173 -7.15 -0.76 -6.08
N PHE A 174 -7.54 -0.63 -4.81
CA PHE A 174 -8.09 -1.75 -4.07
C PHE A 174 -9.47 -2.13 -4.62
N PRO A 175 -9.81 -3.42 -4.59
CA PRO A 175 -11.17 -3.82 -4.98
C PRO A 175 -12.18 -3.42 -3.91
N ASP A 176 -13.26 -2.78 -4.35
CA ASP A 176 -14.41 -2.60 -3.46
C ASP A 176 -15.02 -3.94 -3.06
N SER A 177 -14.72 -5.00 -3.81
CA SER A 177 -15.34 -6.30 -3.61
C SER A 177 -14.64 -7.15 -2.55
N SER A 178 -13.38 -6.85 -2.25
CA SER A 178 -12.58 -7.66 -1.34
C SER A 178 -12.53 -7.10 0.08
N THR A 179 -13.11 -5.92 0.31
CA THR A 179 -13.08 -5.32 1.64
C THR A 179 -13.91 -6.17 2.61
N HIS A 180 -13.22 -6.86 3.52
CA HIS A 180 -13.85 -7.74 4.49
C HIS A 180 -13.76 -7.14 5.89
N ARG A 181 -14.65 -7.61 6.76
CA ARG A 181 -14.50 -7.33 8.17
C ARG A 181 -13.29 -8.09 8.72
N ARG A 182 -12.62 -7.48 9.70
CA ARG A 182 -11.43 -8.08 10.28
C ARG A 182 -11.24 -7.51 11.67
N LEU A 183 -10.33 -8.12 12.43
CA LEU A 183 -10.06 -7.72 13.81
C LEU A 183 -8.81 -6.85 13.84
N PHE A 184 -8.99 -5.57 14.15
CA PHE A 184 -7.90 -4.62 14.29
C PHE A 184 -7.56 -4.47 15.77
N HIS A 185 -6.26 -4.53 16.08
CA HIS A 185 -5.79 -4.49 17.47
C HIS A 185 -5.51 -3.05 17.88
N LYS A 186 -6.19 -2.57 18.91
CA LYS A 186 -5.97 -1.22 19.40
C LYS A 186 -4.81 -1.21 20.40
N SER A 187 -4.32 0.00 20.68
CA SER A 187 -3.15 0.17 21.53
C SER A 187 -3.41 -0.35 22.94
N ASP A 188 -4.58 0.00 23.51
CA ASP A 188 -4.89 -0.44 24.86
C ASP A 188 -5.05 -1.96 24.94
N GLY A 189 -5.52 -2.59 23.86
CA GLY A 189 -5.69 -4.02 23.84
C GLY A 189 -7.01 -4.45 23.24
N SER A 190 -7.90 -3.49 23.00
CA SER A 190 -9.21 -3.79 22.42
C SER A 190 -9.07 -4.19 20.96
N THR A 191 -9.88 -5.15 20.53
CA THR A 191 -9.91 -5.61 19.15
C THR A 191 -11.26 -5.25 18.56
N VAL A 192 -11.26 -4.33 17.60
CA VAL A 192 -12.47 -3.75 17.04
C VAL A 192 -12.74 -4.37 15.68
N SER A 193 -14.02 -4.66 15.40
CA SER A 193 -14.45 -5.17 14.11
C SER A 193 -14.39 -4.04 13.07
N VAL A 194 -13.27 -3.98 12.34
CA VAL A 194 -13.00 -2.85 11.44
C VAL A 194 -13.01 -3.34 10.00
N PRO A 195 -13.61 -2.59 9.08
CA PRO A 195 -13.51 -2.95 7.66
C PRO A 195 -12.11 -2.74 7.15
N MET A 196 -11.62 -3.71 6.37
CA MET A 196 -10.29 -3.64 5.78
C MET A 196 -10.35 -4.08 4.32
N MET A 197 -9.65 -3.34 3.47
CA MET A 197 -9.47 -3.71 2.07
C MET A 197 -8.17 -4.50 1.90
N ALA A 198 -8.04 -5.17 0.76
CA ALA A 198 -6.91 -6.04 0.50
C ALA A 198 -6.60 -6.10 -0.98
N GLN A 199 -5.32 -6.05 -1.32
CA GLN A 199 -4.85 -6.07 -2.70
C GLN A 199 -3.64 -6.99 -2.81
N THR A 200 -3.49 -7.62 -3.97
CA THR A 200 -2.36 -8.52 -4.24
C THR A 200 -1.66 -8.03 -5.50
N ASN A 201 -0.70 -7.13 -5.33
CA ASN A 201 0.11 -6.62 -6.43
C ASN A 201 1.56 -6.52 -5.92
N LYS A 202 2.43 -5.93 -6.73
CA LYS A 202 3.80 -5.66 -6.30
C LYS A 202 3.85 -4.31 -5.60
N PHE A 203 4.44 -4.29 -4.42
CA PHE A 203 4.57 -3.07 -3.62
C PHE A 203 6.04 -2.77 -3.37
N ASN A 204 6.31 -1.50 -3.08
CA ASN A 204 7.64 -1.07 -2.65
C ASN A 204 7.72 -1.27 -1.13
N TYR A 205 8.46 -2.30 -0.71
CA TYR A 205 8.61 -2.62 0.69
C TYR A 205 10.06 -2.44 1.13
N THR A 206 10.23 -2.04 2.38
CA THR A 206 11.55 -2.00 3.00
C THR A 206 11.40 -2.25 4.48
N GLU A 207 12.36 -2.94 5.06
CA GLU A 207 12.42 -3.20 6.50
C GLU A 207 13.52 -2.34 7.10
N PHE A 208 13.13 -1.31 7.83
CA PHE A 208 14.08 -0.50 8.59
C PHE A 208 13.88 -0.77 10.07
N THR A 209 14.96 -0.61 10.83
CA THR A 209 14.94 -0.85 12.26
C THR A 209 15.38 0.41 13.00
N THR A 210 14.75 0.64 14.15
CA THR A 210 15.06 1.80 14.99
C THR A 210 16.49 1.74 15.50
N PRO A 211 17.00 2.85 16.05
CA PRO A 211 18.24 2.78 16.82
C PRO A 211 18.03 2.11 18.18
N ASP A 212 16.87 1.46 18.36
CA ASP A 212 16.53 0.76 19.57
C ASP A 212 16.35 -0.75 19.36
N GLY A 213 16.42 -1.23 18.12
CA GLY A 213 16.23 -2.64 17.84
C GLY A 213 14.79 -3.02 17.57
N HIS A 214 14.05 -2.12 16.92
CA HIS A 214 12.62 -2.33 16.65
C HIS A 214 12.42 -2.30 15.14
N TYR A 215 11.83 -3.36 14.62
CA TYR A 215 11.86 -3.67 13.19
C TYR A 215 10.54 -3.24 12.55
N TYR A 216 10.63 -2.52 11.43
CA TYR A 216 9.48 -1.91 10.79
C TYR A 216 9.11 -2.60 9.49
N ASP A 217 7.80 -2.64 9.22
CA ASP A 217 7.29 -2.86 7.88
C ASP A 217 6.94 -1.50 7.29
N ILE A 218 7.66 -1.10 6.24
CA ILE A 218 7.41 0.15 5.53
C ILE A 218 6.93 -0.20 4.13
N LEU A 219 5.87 0.49 3.68
CA LEU A 219 5.23 0.16 2.42
C LEU A 219 4.79 1.43 1.73
N GLU A 220 4.88 1.45 0.40
CA GLU A 220 4.50 2.60 -0.40
C GLU A 220 3.35 2.25 -1.34
N LEU A 221 2.37 3.14 -1.44
CA LEU A 221 1.23 2.98 -2.33
C LEU A 221 1.15 4.22 -3.22
N PRO A 222 1.18 4.05 -4.54
CA PRO A 222 1.21 5.22 -5.43
C PRO A 222 -0.17 5.72 -5.83
N TYR A 223 -0.23 7.03 -6.08
CA TYR A 223 -1.41 7.70 -6.58
C TYR A 223 -1.32 7.88 -8.09
N HIS A 224 -2.28 8.60 -8.66
CA HIS A 224 -2.29 8.84 -10.10
C HIS A 224 -1.04 9.62 -10.52
N GLY A 225 -0.50 9.25 -11.67
CA GLY A 225 0.64 9.95 -12.25
C GLY A 225 1.91 9.73 -11.47
N ASP A 226 1.85 8.82 -10.50
CA ASP A 226 2.96 8.49 -9.60
C ASP A 226 3.51 9.73 -8.90
N THR A 227 2.69 10.78 -8.77
CA THR A 227 3.17 12.03 -8.20
C THR A 227 3.09 12.01 -6.68
N LEU A 228 1.90 11.77 -6.14
CA LEU A 228 1.72 11.64 -4.70
C LEU A 228 1.80 10.17 -4.30
N SER A 229 2.19 9.94 -3.06
CA SER A 229 2.31 8.60 -2.51
C SER A 229 2.20 8.67 -0.99
N MET A 230 1.60 7.63 -0.42
CA MET A 230 1.46 7.50 1.02
C MET A 230 2.23 6.29 1.50
N PHE A 231 2.98 6.46 2.59
CA PHE A 231 3.71 5.38 3.22
C PHE A 231 2.99 4.93 4.49
N ILE A 232 3.07 3.64 4.77
CA ILE A 232 2.49 3.04 5.97
C ILE A 232 3.59 2.34 6.73
N ALA A 233 3.73 2.65 8.02
CA ALA A 233 4.77 2.08 8.86
C ALA A 233 4.13 1.44 10.09
N ALA A 234 4.61 0.25 10.44
CA ALA A 234 4.13 -0.45 11.61
C ALA A 234 5.22 -1.39 12.11
N PRO A 235 5.43 -1.49 13.42
CA PRO A 235 6.43 -2.43 13.94
C PRO A 235 6.04 -3.87 13.64
N TYR A 236 7.03 -4.75 13.80
CA TYR A 236 6.81 -6.18 13.60
C TYR A 236 5.76 -6.70 14.59
N GLU A 237 6.07 -6.63 15.87
CA GLU A 237 5.15 -7.06 16.90
C GLU A 237 4.23 -5.91 17.31
N LYS A 238 3.36 -6.16 18.29
CA LYS A 238 2.35 -5.18 18.64
C LYS A 238 2.78 -4.26 19.79
N GLU A 239 3.47 -4.80 20.79
CA GLU A 239 3.73 -4.04 22.01
C GLU A 239 4.58 -2.80 21.75
N VAL A 240 5.31 -2.75 20.65
CA VAL A 240 6.10 -1.57 20.30
C VAL A 240 5.14 -0.44 19.92
N PRO A 241 5.08 0.64 20.68
CA PRO A 241 4.11 1.70 20.40
C PRO A 241 4.55 2.58 19.24
N LEU A 242 3.57 3.29 18.67
CA LEU A 242 3.87 4.29 17.66
C LEU A 242 4.71 5.43 18.23
N SER A 243 4.69 5.61 19.55
CA SER A 243 5.55 6.61 20.17
C SER A 243 7.02 6.37 19.85
N ALA A 244 7.42 5.10 19.73
CA ALA A 244 8.79 4.79 19.30
C ALA A 244 9.02 5.26 17.87
N LEU A 245 8.08 4.96 16.96
CA LEU A 245 8.19 5.44 15.59
C LEU A 245 8.10 6.95 15.53
N THR A 246 7.07 7.52 16.18
CA THR A 246 6.78 8.94 16.01
C THR A 246 7.93 9.80 16.51
N ASN A 247 8.51 9.45 17.64
CA ASN A 247 9.52 10.32 18.25
C ASN A 247 10.84 10.31 17.48
N ILE A 248 10.96 9.58 16.38
CA ILE A 248 12.20 9.54 15.61
C ILE A 248 11.98 9.93 14.16
N LEU A 249 10.86 10.59 13.85
CA LEU A 249 10.58 10.98 12.47
C LEU A 249 11.47 12.14 12.03
N SER A 250 11.86 12.12 10.76
CA SER A 250 12.62 13.20 10.15
C SER A 250 12.39 13.14 8.64
N ALA A 251 12.62 14.28 7.98
CA ALA A 251 12.39 14.33 6.54
C ALA A 251 13.34 13.39 5.81
N GLN A 252 14.61 13.35 6.22
CA GLN A 252 15.55 12.44 5.58
C GLN A 252 15.20 10.99 5.86
N LEU A 253 14.52 10.71 6.97
CA LEU A 253 14.10 9.34 7.26
C LEU A 253 13.11 8.83 6.22
N ILE A 254 12.29 9.72 5.67
CA ILE A 254 11.40 9.34 4.58
C ILE A 254 12.17 9.19 3.28
N SER A 255 13.10 10.11 3.01
CA SER A 255 13.89 10.04 1.79
C SER A 255 14.74 8.78 1.73
N HIS A 256 15.21 8.31 2.89
CA HIS A 256 15.97 7.06 2.91
C HIS A 256 15.07 5.85 2.78
N TRP A 257 13.86 5.91 3.37
CA TRP A 257 12.92 4.80 3.21
C TRP A 257 12.58 4.58 1.74
N LYS A 258 12.48 5.66 0.97
CA LYS A 258 12.25 5.54 -0.46
C LYS A 258 13.42 4.91 -1.19
N GLY A 259 14.59 4.85 -0.55
CA GLY A 259 15.78 4.31 -1.18
C GLY A 259 15.96 2.81 -1.00
N ASN A 260 15.73 2.30 0.20
CA ASN A 260 15.92 0.90 0.50
C ASN A 260 14.71 0.04 0.15
N MET A 261 13.81 0.53 -0.70
CA MET A 261 12.63 -0.21 -1.11
C MET A 261 12.89 -0.97 -2.40
N THR A 262 12.50 -2.24 -2.41
CA THR A 262 12.49 -3.06 -3.61
C THR A 262 11.06 -3.44 -3.93
N ARG A 263 10.78 -3.65 -5.22
CA ARG A 263 9.44 -4.01 -5.66
C ARG A 263 9.25 -5.51 -5.45
N LEU A 264 8.50 -5.86 -4.40
CA LEU A 264 8.25 -7.24 -4.00
C LEU A 264 6.78 -7.59 -4.19
N PRO A 265 6.49 -8.84 -4.55
CA PRO A 265 5.09 -9.29 -4.62
C PRO A 265 4.57 -9.60 -3.22
N ARG A 266 3.52 -8.89 -2.82
CA ARG A 266 3.02 -8.99 -1.46
C ARG A 266 1.50 -8.99 -1.45
N LEU A 267 0.93 -9.56 -0.39
CA LEU A 267 -0.51 -9.53 -0.15
C LEU A 267 -0.75 -8.54 0.99
N LEU A 268 -1.30 -7.38 0.64
CA LEU A 268 -1.55 -6.33 1.62
C LEU A 268 -2.95 -6.47 2.19
N VAL A 269 -3.07 -6.19 3.48
CA VAL A 269 -4.35 -6.02 4.16
C VAL A 269 -4.28 -4.72 4.94
N LEU A 270 -5.10 -3.75 4.56
CA LEU A 270 -5.09 -2.43 5.18
C LEU A 270 -6.50 -2.01 5.55
N PRO A 271 -6.68 -1.44 6.74
CA PRO A 271 -8.02 -0.98 7.14
C PRO A 271 -8.38 0.38 6.55
N LYS A 272 -9.61 0.47 6.05
CA LYS A 272 -10.18 1.77 5.72
C LYS A 272 -10.21 2.67 6.94
N PHE A 273 -10.17 3.99 6.70
CA PHE A 273 -10.34 4.93 7.80
C PHE A 273 -10.71 6.30 7.24
N SER A 274 -11.37 7.09 8.08
CA SER A 274 -11.80 8.44 7.73
C SER A 274 -11.72 9.28 9.01
N LEU A 275 -10.63 10.01 9.16
CA LEU A 275 -10.33 10.74 10.38
C LEU A 275 -10.48 12.24 10.18
N GLU A 276 -10.66 12.95 11.30
CA GLU A 276 -10.74 14.40 11.30
C GLU A 276 -10.15 14.90 12.61
N THR A 277 -9.26 15.88 12.52
CA THR A 277 -8.54 16.36 13.69
C THR A 277 -8.39 17.87 13.64
N GLU A 278 -8.75 18.54 14.74
CA GLU A 278 -8.56 19.97 14.91
C GLU A 278 -7.57 20.17 16.05
N VAL A 279 -6.36 20.62 15.73
CA VAL A 279 -5.26 20.70 16.68
C VAL A 279 -5.15 22.14 17.18
N ASP A 280 -4.94 22.29 18.50
CA ASP A 280 -4.66 23.58 19.09
C ASP A 280 -3.16 23.80 19.06
N LEU A 281 -2.68 24.43 17.99
CA LEU A 281 -1.24 24.59 17.78
C LEU A 281 -0.60 25.54 18.78
N ARG A 282 -1.38 26.25 19.60
CA ARG A 282 -0.80 27.13 20.60
C ARG A 282 0.11 26.35 21.54
N LYS A 283 -0.33 25.16 21.97
CA LYS A 283 0.49 24.38 22.88
C LYS A 283 1.76 23.86 22.22
N PRO A 284 1.70 23.15 21.08
CA PRO A 284 2.96 22.67 20.47
C PRO A 284 3.90 23.78 20.06
N LEU A 285 3.37 24.93 19.62
CA LEU A 285 4.25 26.03 19.23
C LEU A 285 4.89 26.68 20.45
N GLU A 286 4.11 26.87 21.53
CA GLU A 286 4.72 27.24 22.80
C GLU A 286 5.58 26.13 23.38
N ASN A 287 5.46 24.91 22.86
CA ASN A 287 6.37 23.82 23.21
C ASN A 287 7.60 23.75 22.33
N LEU A 288 7.64 24.55 21.25
CA LEU A 288 8.79 24.58 20.36
C LEU A 288 9.59 25.87 20.48
N GLY A 289 9.26 26.72 21.46
CA GLY A 289 10.02 27.92 21.71
C GLY A 289 9.43 29.18 21.14
N MET A 290 8.11 29.33 21.26
CA MET A 290 7.40 30.47 20.69
C MET A 290 6.31 30.95 21.64
N THR A 291 6.66 31.11 22.92
CA THR A 291 5.75 31.70 23.88
C THR A 291 5.64 33.21 23.72
N ASP A 292 6.60 33.84 23.03
CA ASP A 292 6.55 35.27 22.80
C ASP A 292 5.46 35.68 21.82
N MET A 293 4.77 34.74 21.21
CA MET A 293 3.68 35.06 20.28
C MET A 293 2.36 35.26 20.99
N PHE A 294 2.14 34.60 22.13
CA PHE A 294 0.87 34.64 22.86
C PHE A 294 1.14 35.05 24.30
N ARG A 295 1.13 36.35 24.56
CA ARG A 295 1.17 36.87 25.92
C ARG A 295 0.34 38.13 26.02
N GLN A 296 -0.87 38.09 25.43
CA GLN A 296 -1.94 39.09 25.58
C GLN A 296 -1.54 40.54 25.35
N PHE A 297 -0.25 40.88 25.50
CA PHE A 297 0.25 42.18 25.08
C PHE A 297 1.67 42.06 24.53
N GLN A 298 2.19 40.84 24.40
CA GLN A 298 3.55 40.56 23.97
C GLN A 298 3.49 39.83 22.63
N ALA A 299 3.73 40.57 21.55
CA ALA A 299 3.80 40.00 20.20
C ALA A 299 4.57 40.98 19.33
N ASP A 300 5.89 40.76 19.23
CA ASP A 300 6.78 41.67 18.52
C ASP A 300 6.49 41.58 17.03
N PHE A 301 5.42 42.27 16.62
CA PHE A 301 4.95 42.28 15.24
C PHE A 301 5.20 43.63 14.58
N THR A 302 6.36 44.23 14.88
CA THR A 302 6.67 45.56 14.36
C THR A 302 6.84 45.57 12.84
N SER A 303 7.04 44.40 12.23
CA SER A 303 7.08 44.34 10.78
C SER A 303 5.72 44.62 10.15
N LEU A 304 4.64 44.40 10.90
CA LEU A 304 3.28 44.64 10.42
C LEU A 304 2.54 45.68 11.25
N SER A 305 2.58 45.56 12.58
CA SER A 305 1.79 46.40 13.46
C SER A 305 2.58 47.64 13.84
N ASP A 306 2.14 48.80 13.34
CA ASP A 306 2.70 50.07 13.77
C ASP A 306 1.92 50.69 14.91
N GLN A 307 0.64 50.38 15.03
CA GLN A 307 -0.18 50.81 16.16
C GLN A 307 -0.40 49.61 17.08
N GLU A 308 -0.05 49.78 18.34
CA GLU A 308 0.03 48.70 19.31
C GLU A 308 -0.98 48.92 20.44
N PRO A 309 -1.32 47.86 21.20
CA PRO A 309 -0.81 46.49 21.15
C PRO A 309 -1.50 45.57 20.14
N LEU A 310 -1.01 44.34 20.06
CA LEU A 310 -1.54 43.30 19.19
C LEU A 310 -0.92 41.97 19.62
N HIS A 311 -1.67 40.89 19.42
CA HIS A 311 -1.24 39.57 19.86
C HIS A 311 -1.86 38.51 18.97
N VAL A 312 -1.32 37.30 19.07
CA VAL A 312 -1.88 36.13 18.39
C VAL A 312 -2.78 35.42 19.39
N ALA A 313 -4.09 35.47 19.16
CA ALA A 313 -5.03 34.87 20.10
C ALA A 313 -5.06 33.35 19.96
N LEU A 314 -5.56 32.86 18.83
CA LEU A 314 -5.73 31.43 18.61
C LEU A 314 -4.97 31.00 17.36
N ALA A 315 -4.53 29.74 17.37
CA ALA A 315 -3.81 29.17 16.24
C ALA A 315 -4.15 27.68 16.17
N LEU A 316 -4.97 27.30 15.19
CA LEU A 316 -5.45 25.93 15.06
C LEU A 316 -5.22 25.44 13.64
N GLN A 317 -5.48 24.14 13.44
CA GLN A 317 -5.46 23.54 12.11
C GLN A 317 -6.43 22.38 12.09
N LYS A 318 -7.24 22.29 11.03
CA LYS A 318 -8.21 21.21 10.86
C LYS A 318 -7.81 20.38 9.65
N VAL A 319 -7.70 19.07 9.84
CA VAL A 319 -7.35 18.14 8.77
C VAL A 319 -8.42 17.05 8.74
N LYS A 320 -8.89 16.73 7.53
CA LYS A 320 -9.89 15.68 7.33
C LYS A 320 -9.42 14.78 6.19
N ILE A 321 -9.02 13.55 6.52
CA ILE A 321 -8.44 12.63 5.56
C ILE A 321 -9.32 11.38 5.51
N GLU A 322 -9.86 11.10 4.33
CA GLU A 322 -10.60 9.87 4.07
C GLU A 322 -9.76 8.98 3.17
N VAL A 323 -9.67 7.70 3.53
CA VAL A 323 -8.90 6.73 2.76
C VAL A 323 -9.84 5.63 2.31
N ASN A 324 -10.11 5.56 1.02
CA ASN A 324 -10.93 4.52 0.41
C ASN A 324 -10.33 4.18 -0.94
N GLU A 325 -11.14 3.68 -1.86
CA GLU A 325 -10.67 3.31 -3.20
C GLU A 325 -11.16 4.35 -4.20
N SER A 326 -10.47 5.50 -4.20
CA SER A 326 -10.63 6.56 -5.19
C SER A 326 -12.02 7.22 -5.13
N GLY A 327 -12.85 6.81 -4.18
CA GLY A 327 -14.18 7.36 -4.06
C GLY A 327 -15.26 6.33 -4.39
N THR A 328 -16.19 6.71 -5.26
CA THR A 328 -17.23 5.81 -5.75
C THR A 328 -16.97 5.39 -7.19
N VAL A 329 -15.69 5.34 -7.57
CA VAL A 329 -15.31 4.87 -8.90
C VAL A 329 -15.58 3.38 -9.06
N ALA A 330 -15.67 2.63 -7.96
CA ALA A 330 -16.18 1.25 -7.93
C ALA A 330 -15.33 0.28 -8.74
N SER A 331 -15.62 -1.02 -8.61
CA SER A 331 -14.84 -2.08 -9.25
C SER A 331 -14.88 -1.97 -10.77
N SER A 332 -14.39 -0.85 -11.29
CA SER A 332 -14.18 -0.72 -12.73
C SER A 332 -13.01 -1.60 -13.15
N SER A 333 -13.29 -2.61 -13.96
CA SER A 333 -12.39 -3.75 -14.14
C SER A 333 -11.06 -3.40 -14.79
N THR A 334 -10.29 -2.51 -14.15
CA THR A 334 -8.88 -2.34 -14.47
C THR A 334 -7.97 -2.94 -13.40
N ALA A 335 -8.51 -3.26 -12.23
CA ALA A 335 -7.75 -3.88 -11.14
C ALA A 335 -8.60 -5.02 -10.58
N VAL A 336 -8.30 -6.24 -11.00
CA VAL A 336 -8.98 -7.42 -10.50
C VAL A 336 -8.15 -7.98 -9.34
N ILE A 337 -8.76 -8.88 -8.57
CA ILE A 337 -8.23 -9.22 -7.24
C ILE A 337 -6.91 -9.99 -7.36
N VAL A 338 -6.85 -11.00 -8.22
CA VAL A 338 -5.71 -11.91 -8.22
C VAL A 338 -4.80 -11.66 -9.43
N SER A 339 -5.21 -12.18 -10.59
CA SER A 339 -4.49 -12.08 -11.86
C SER A 339 -3.15 -12.80 -11.83
N ALA A 340 -2.81 -13.50 -10.75
CA ALA A 340 -1.54 -14.23 -10.67
C ALA A 340 -1.68 -15.24 -9.55
N ARG A 341 -1.69 -16.52 -9.89
CA ARG A 341 -2.17 -17.55 -8.98
C ARG A 341 -1.12 -18.01 -7.97
N MET A 342 -0.19 -17.15 -7.61
CA MET A 342 0.82 -17.52 -6.61
C MET A 342 0.33 -17.13 -5.22
N ALA A 343 1.02 -17.67 -4.20
CA ALA A 343 0.69 -17.38 -2.81
C ALA A 343 1.69 -16.39 -2.25
N PRO A 344 1.40 -15.09 -2.27
CA PRO A 344 2.38 -14.10 -1.83
C PRO A 344 2.55 -14.11 -0.31
N GLU A 345 3.62 -13.45 0.12
CA GLU A 345 3.78 -13.19 1.54
C GLU A 345 2.79 -12.12 1.97
N GLU A 346 2.18 -12.31 3.14
CA GLU A 346 1.14 -11.43 3.64
C GLU A 346 1.74 -10.34 4.52
N ILE A 347 1.32 -9.10 4.29
CA ILE A 347 1.59 -7.99 5.20
C ILE A 347 0.25 -7.49 5.69
N ILE A 348 -0.02 -7.69 6.97
CA ILE A 348 -1.30 -7.35 7.57
C ILE A 348 -1.10 -6.13 8.46
N ILE A 349 -1.89 -5.09 8.23
CA ILE A 349 -1.86 -3.90 9.08
C ILE A 349 -2.99 -4.03 10.09
N ASP A 350 -2.82 -4.93 11.05
CA ASP A 350 -3.74 -5.08 12.18
C ASP A 350 -3.26 -4.35 13.42
N ARG A 351 -2.02 -3.86 13.43
CA ARG A 351 -1.47 -3.05 14.50
C ARG A 351 -1.76 -1.58 14.27
N PRO A 352 -1.65 -0.76 15.30
CA PRO A 352 -1.63 0.69 15.07
C PRO A 352 -0.44 1.07 14.19
N PHE A 353 -0.61 2.16 13.44
CA PHE A 353 0.38 2.52 12.43
C PHE A 353 0.26 4.01 12.15
N LEU A 354 1.30 4.56 11.53
CA LEU A 354 1.30 5.95 11.11
C LEU A 354 1.47 6.01 9.60
N PHE A 355 0.73 6.94 8.98
CA PHE A 355 0.76 7.18 7.55
C PHE A 355 1.41 8.52 7.27
N VAL A 356 2.12 8.60 6.15
CA VAL A 356 2.86 9.79 5.77
C VAL A 356 2.62 10.05 4.28
N VAL A 357 2.18 11.27 3.96
CA VAL A 357 1.91 11.69 2.59
C VAL A 357 3.05 12.59 2.14
N ARG A 358 3.57 12.34 0.93
CA ARG A 358 4.73 13.03 0.41
C ARG A 358 4.53 13.36 -1.07
N HIS A 359 4.94 14.55 -1.47
CA HIS A 359 5.03 14.90 -2.89
C HIS A 359 6.39 14.44 -3.38
N ASN A 360 6.43 13.24 -3.94
CA ASN A 360 7.71 12.63 -4.31
C ASN A 360 8.53 13.45 -5.31
N PRO A 361 7.95 14.09 -6.33
CA PRO A 361 8.78 14.93 -7.22
C PRO A 361 9.45 16.10 -6.51
N THR A 362 9.05 16.43 -5.27
CA THR A 362 9.68 17.51 -4.53
C THR A 362 10.10 17.12 -3.12
N GLY A 363 9.69 15.95 -2.62
CA GLY A 363 10.00 15.57 -1.25
C GLY A 363 9.16 16.27 -0.20
N THR A 364 8.23 17.13 -0.60
CA THR A 364 7.42 17.86 0.36
C THR A 364 6.46 16.91 1.08
N VAL A 365 6.50 16.93 2.41
CA VAL A 365 5.64 16.07 3.23
C VAL A 365 4.31 16.79 3.42
N LEU A 366 3.27 16.30 2.72
CA LEU A 366 1.99 17.01 2.72
C LEU A 366 1.12 16.64 3.92
N PHE A 367 1.15 15.38 4.36
CA PHE A 367 0.32 14.96 5.47
C PHE A 367 1.09 13.97 6.33
N MET A 368 0.46 13.58 7.45
CA MET A 368 1.04 12.73 8.48
C MET A 368 -0.06 12.48 9.49
N GLY A 369 0.13 11.46 10.33
CA GLY A 369 -0.79 11.25 11.43
C GLY A 369 -0.76 9.84 11.94
N GLN A 370 -1.27 9.68 13.15
CA GLN A 370 -1.45 8.37 13.77
C GLN A 370 -2.82 7.82 13.45
N VAL A 371 -2.91 6.50 13.35
CA VAL A 371 -4.17 5.81 13.14
C VAL A 371 -4.31 4.79 14.27
N MET A 372 -5.04 5.18 15.32
CA MET A 372 -5.18 4.30 16.48
C MET A 372 -6.42 3.42 16.42
N GLU A 373 -7.50 3.91 15.81
CA GLU A 373 -8.71 3.12 15.63
C GLU A 373 -9.58 3.77 14.56
N PRO A 374 -9.87 3.05 13.46
CA PRO A 374 -10.72 3.56 12.37
C PRO A 374 -12.13 3.91 12.84
N ILE B 1 -8.16 -23.41 -5.23
CA ILE B 1 -9.07 -24.21 -6.03
C ILE B 1 -10.52 -23.80 -5.77
N LYS B 2 -11.17 -23.28 -6.79
CA LYS B 2 -12.59 -22.94 -6.72
C LYS B 2 -13.39 -24.08 -7.34
N GLY B 3 -14.42 -24.53 -6.63
CA GLY B 3 -15.19 -25.66 -7.07
C GLY B 3 -14.55 -26.98 -6.71
N GLY B 4 -15.17 -28.06 -7.20
CA GLY B 4 -14.66 -29.37 -6.89
C GLY B 4 -14.79 -29.70 -5.41
N LEU B 5 -13.96 -30.65 -4.97
CA LEU B 5 -14.01 -31.16 -3.61
C LEU B 5 -12.59 -31.47 -3.14
N PHE B 6 -12.47 -31.85 -1.87
CA PHE B 6 -11.18 -32.23 -1.31
C PHE B 6 -10.66 -33.48 -2.02
N ALA B 7 -9.36 -33.71 -1.88
CA ALA B 7 -8.70 -34.79 -2.59
C ALA B 7 -7.93 -35.66 -1.62
N ASP B 8 -7.64 -36.88 -2.07
CA ASP B 8 -6.63 -37.73 -1.45
C ASP B 8 -5.41 -37.72 -2.34
N ILE B 9 -4.23 -37.58 -1.75
CA ILE B 9 -3.00 -37.42 -2.52
C ILE B 9 -2.75 -38.62 -3.43
N ALA B 10 -3.40 -39.76 -3.15
CA ALA B 10 -3.26 -40.90 -4.05
C ALA B 10 -3.95 -40.65 -5.39
N SER B 11 -4.99 -39.83 -5.41
CA SER B 11 -5.65 -39.50 -6.68
C SER B 11 -4.76 -38.63 -7.56
N HIS B 12 -3.87 -37.85 -6.95
CA HIS B 12 -2.92 -37.00 -7.68
C HIS B 12 -1.56 -37.12 -7.04
N PRO B 13 -0.91 -38.30 -7.14
CA PRO B 13 0.37 -38.52 -6.44
C PRO B 13 1.51 -37.69 -7.01
N TRP B 14 1.30 -36.98 -8.10
CA TRP B 14 2.32 -36.13 -8.71
C TRP B 14 2.33 -34.72 -8.15
N GLN B 15 1.40 -34.40 -7.24
CA GLN B 15 1.21 -33.03 -6.76
C GLN B 15 2.04 -32.80 -5.52
N ALA B 16 2.74 -31.67 -5.48
CA ALA B 16 3.70 -31.36 -4.43
C ALA B 16 3.43 -29.97 -3.88
N ALA B 17 4.14 -29.62 -2.79
CA ALA B 17 4.08 -28.31 -2.19
C ALA B 17 5.46 -27.67 -2.24
N ILE B 18 5.50 -26.35 -1.97
CA ILE B 18 6.73 -25.57 -1.91
C ILE B 18 6.63 -24.60 -0.75
N PHE B 19 7.66 -24.57 0.10
CA PHE B 19 7.65 -23.72 1.30
C PHE B 19 8.94 -22.91 1.35
N ALA B 20 8.79 -21.59 1.37
CA ALA B 20 9.91 -20.67 1.55
C ALA B 20 9.93 -20.20 2.99
N LYS B 21 11.12 -20.18 3.58
CA LYS B 21 11.24 -19.81 4.99
C LYS B 21 10.94 -18.33 5.20
N HIS B 22 10.31 -18.01 6.33
CA HIS B 22 10.16 -16.63 6.73
C HIS B 22 11.53 -15.96 6.80
N ARG B 23 11.71 -14.90 6.00
CA ARG B 23 12.99 -14.21 5.93
C ARG B 23 13.38 -13.65 7.29
N ARG B 24 12.40 -13.36 8.13
CA ARG B 24 12.55 -12.71 9.44
C ARG B 24 12.30 -13.65 10.60
N SER B 25 11.24 -14.45 10.52
CA SER B 25 10.90 -15.41 11.54
C SER B 25 11.57 -16.75 11.25
N PRO B 26 11.50 -17.70 12.15
CA PRO B 26 11.80 -19.09 11.80
C PRO B 26 10.55 -19.80 11.31
N GLY B 27 10.78 -20.84 10.53
CA GLY B 27 9.69 -21.64 10.00
C GLY B 27 9.35 -21.30 8.56
N GLU B 28 8.59 -22.20 7.96
CA GLU B 28 8.18 -22.22 6.57
C GLU B 28 6.85 -21.50 6.34
N ARG B 29 6.70 -20.94 5.14
CA ARG B 29 5.41 -20.43 4.68
C ARG B 29 5.08 -21.03 3.32
N PHE B 30 3.79 -21.19 3.05
CA PHE B 30 3.35 -21.81 1.81
C PHE B 30 3.54 -20.87 0.63
N LEU B 31 4.16 -21.39 -0.43
CA LEU B 31 4.55 -20.57 -1.58
C LEU B 31 3.79 -20.94 -2.85
N CYS B 32 3.98 -22.16 -3.36
CA CYS B 32 3.35 -22.58 -4.60
C CYS B 32 3.24 -24.09 -4.63
N GLY B 33 2.45 -24.60 -5.60
CA GLY B 33 2.36 -26.01 -5.84
C GLY B 33 3.39 -26.50 -6.85
N GLY B 34 3.55 -27.82 -6.89
CA GLY B 34 4.58 -28.40 -7.75
C GLY B 34 4.13 -29.73 -8.33
N ILE B 35 4.79 -30.11 -9.42
CA ILE B 35 4.50 -31.34 -10.14
C ILE B 35 5.79 -32.13 -10.29
N LEU B 36 5.80 -33.35 -9.77
CA LEU B 36 6.99 -34.20 -9.77
C LEU B 36 7.11 -34.88 -11.14
N ILE B 37 8.04 -34.42 -11.96
CA ILE B 37 8.25 -34.99 -13.28
C ILE B 37 9.32 -36.08 -13.26
N SER B 38 10.45 -35.80 -12.62
CA SER B 38 11.50 -36.81 -12.45
C SER B 38 11.49 -37.27 -11.00
N SER B 39 12.41 -38.17 -10.66
CA SER B 39 12.56 -38.56 -9.27
C SER B 39 13.21 -37.45 -8.45
N CYS B 40 14.04 -36.63 -9.10
CA CYS B 40 14.73 -35.52 -8.44
C CYS B 40 14.44 -34.17 -9.08
N TRP B 41 13.48 -34.10 -10.00
CA TRP B 41 13.14 -32.86 -10.67
C TRP B 41 11.64 -32.66 -10.68
N ILE B 42 11.21 -31.43 -10.39
CA ILE B 42 9.80 -31.06 -10.45
C ILE B 42 9.65 -29.80 -11.30
N LEU B 43 8.45 -29.62 -11.83
CA LEU B 43 8.10 -28.42 -12.57
C LEU B 43 7.22 -27.52 -11.72
N SER B 44 7.38 -26.22 -11.91
CA SER B 44 6.56 -25.23 -11.23
C SER B 44 6.42 -24.02 -12.15
N ALA B 45 5.90 -22.93 -11.61
CA ALA B 45 5.75 -21.68 -12.34
C ALA B 45 6.90 -20.74 -11.98
N ALA B 46 7.29 -19.92 -12.96
CA ALA B 46 8.44 -19.05 -12.79
C ALA B 46 8.17 -17.95 -11.78
N HIS B 47 7.01 -17.29 -11.88
CA HIS B 47 6.76 -16.12 -11.07
C HIS B 47 6.60 -16.44 -9.59
N CYS B 48 6.59 -17.71 -9.20
CA CYS B 48 6.62 -18.07 -7.79
C CYS B 48 7.92 -17.67 -7.11
N PHE B 49 8.95 -17.30 -7.89
CA PHE B 49 10.28 -17.01 -7.37
C PHE B 49 10.77 -15.65 -7.85
N GLN B 50 9.84 -14.74 -8.14
CA GLN B 50 10.24 -13.39 -8.55
C GLN B 50 11.05 -12.71 -7.45
N GLU B 51 10.67 -12.92 -6.19
CA GLU B 51 11.55 -12.63 -5.07
C GLU B 51 12.54 -13.78 -4.96
N ARG B 52 13.80 -13.52 -5.31
CA ARG B 52 14.76 -14.60 -5.53
C ARG B 52 15.11 -15.31 -4.23
N PHE B 53 14.32 -16.30 -3.85
CA PHE B 53 14.64 -17.11 -2.68
C PHE B 53 15.86 -17.97 -2.97
N PRO B 54 16.84 -18.04 -2.06
CA PRO B 54 17.91 -19.02 -2.19
C PRO B 54 17.36 -20.43 -2.14
N PRO B 55 18.05 -21.41 -2.71
CA PRO B 55 17.50 -22.77 -2.75
C PRO B 55 17.32 -23.40 -1.38
N HIS B 56 18.19 -23.09 -0.42
CA HIS B 56 18.01 -23.63 0.92
C HIS B 56 16.84 -23.00 1.65
N HIS B 57 16.16 -22.02 1.05
CA HIS B 57 14.92 -21.48 1.59
C HIS B 57 13.70 -22.27 1.16
N LEU B 58 13.79 -23.00 0.05
CA LEU B 58 12.67 -23.76 -0.48
C LEU B 58 12.71 -25.20 0.01
N THR B 59 11.54 -25.72 0.38
CA THR B 59 11.38 -27.10 0.80
C THR B 59 10.16 -27.68 0.10
N VAL B 60 10.37 -28.70 -0.71
CA VAL B 60 9.31 -29.35 -1.47
C VAL B 60 8.78 -30.54 -0.68
N ILE B 61 7.46 -30.69 -0.64
CA ILE B 61 6.80 -31.79 0.07
C ILE B 61 5.99 -32.59 -0.92
N LEU B 62 6.29 -33.88 -1.02
CA LEU B 62 5.57 -34.82 -1.86
C LEU B 62 4.72 -35.75 -1.00
N GLY B 63 3.71 -36.35 -1.63
CA GLY B 63 2.85 -37.31 -0.96
C GLY B 63 2.21 -36.82 0.32
N ARG B 64 1.59 -35.65 0.27
CA ARG B 64 0.95 -35.06 1.44
C ARG B 64 -0.43 -34.58 1.03
N THR B 65 -1.45 -34.99 1.80
CA THR B 65 -2.83 -34.63 1.48
C THR B 65 -3.20 -33.26 2.04
N TYR B 66 -2.97 -33.04 3.32
CA TYR B 66 -3.25 -31.75 3.93
C TYR B 66 -2.08 -30.81 3.72
N ARG B 67 -2.33 -29.51 3.93
CA ARG B 67 -1.32 -28.50 3.67
C ARG B 67 -0.16 -28.61 4.66
N VAL B 68 -0.46 -28.50 5.96
CA VAL B 68 0.57 -28.47 6.99
C VAL B 68 0.68 -29.83 7.68
N VAL B 69 -0.44 -30.52 7.84
CA VAL B 69 -0.47 -31.83 8.48
C VAL B 69 0.31 -32.83 7.64
N PRO B 70 1.36 -33.43 8.16
CA PRO B 70 2.15 -34.39 7.38
C PRO B 70 1.37 -35.68 7.14
N GLY B 71 1.94 -36.51 6.26
CA GLY B 71 1.34 -37.76 5.87
C GLY B 71 2.13 -38.97 6.34
N GLU B 72 1.52 -40.14 6.14
CA GLU B 72 2.14 -41.39 6.58
C GLU B 72 3.27 -41.80 5.64
N GLU B 73 2.97 -41.94 4.34
CA GLU B 73 3.97 -42.23 3.33
C GLU B 73 4.54 -40.96 2.69
N GLU B 74 4.51 -39.84 3.40
CA GLU B 74 4.98 -38.59 2.82
C GLU B 74 6.50 -38.59 2.69
N GLN B 75 6.99 -37.75 1.79
CA GLN B 75 8.41 -37.59 1.52
C GLN B 75 8.73 -36.10 1.44
N LYS B 76 9.68 -35.65 2.25
CA LYS B 76 10.03 -34.24 2.36
C LYS B 76 11.47 -34.03 1.89
N PHE B 77 11.69 -32.96 1.13
CA PHE B 77 12.98 -32.69 0.52
C PHE B 77 13.35 -31.23 0.71
N GLU B 78 14.63 -30.93 0.46
CA GLU B 78 15.13 -29.56 0.49
C GLU B 78 15.75 -29.25 -0.86
N VAL B 79 15.31 -28.15 -1.48
CA VAL B 79 15.71 -27.85 -2.84
C VAL B 79 17.19 -27.52 -2.88
N GLU B 80 17.92 -28.19 -3.78
CA GLU B 80 19.34 -27.90 -3.97
C GLU B 80 19.53 -26.71 -4.90
N LYS B 81 18.79 -26.68 -5.99
CA LYS B 81 18.79 -25.53 -6.90
C LYS B 81 17.50 -25.53 -7.69
N TYR B 82 17.20 -24.41 -8.34
CA TYR B 82 16.07 -24.33 -9.23
C TYR B 82 16.43 -23.47 -10.44
N ILE B 83 15.77 -23.76 -11.57
CA ILE B 83 16.06 -23.14 -12.85
C ILE B 83 14.81 -22.42 -13.31
N VAL B 84 14.84 -21.09 -13.26
CA VAL B 84 13.79 -20.27 -13.85
C VAL B 84 14.09 -20.08 -15.33
N HIS B 85 13.05 -20.03 -16.15
CA HIS B 85 13.24 -19.82 -17.58
C HIS B 85 13.90 -18.47 -17.84
N LYS B 86 14.88 -18.45 -18.73
CA LYS B 86 15.72 -17.27 -18.93
C LYS B 86 14.87 -16.04 -19.27
N GLU B 87 14.13 -16.10 -20.38
CA GLU B 87 13.28 -14.99 -20.79
C GLU B 87 11.87 -15.18 -20.23
N PHE B 88 11.78 -15.01 -18.91
CA PHE B 88 10.51 -15.01 -18.20
C PHE B 88 10.03 -13.58 -18.03
N ASP B 89 8.76 -13.34 -18.39
CA ASP B 89 8.16 -12.01 -18.30
C ASP B 89 7.48 -11.88 -16.94
N ASP B 90 8.12 -11.16 -16.02
CA ASP B 90 7.51 -10.83 -14.73
C ASP B 90 6.40 -9.78 -14.86
N ASP B 91 5.86 -9.58 -16.05
CA ASP B 91 4.88 -8.54 -16.31
C ASP B 91 3.68 -9.04 -17.10
N THR B 92 3.89 -9.96 -18.05
CA THR B 92 2.83 -10.64 -18.76
C THR B 92 2.77 -12.12 -18.45
N TYR B 93 3.66 -12.62 -17.59
CA TYR B 93 3.64 -14.01 -17.13
C TYR B 93 3.86 -15.00 -18.26
N ASP B 94 4.45 -14.56 -19.37
CA ASP B 94 4.85 -15.46 -20.44
C ASP B 94 6.07 -16.28 -20.01
N ASN B 95 6.17 -17.49 -20.55
CA ASN B 95 7.26 -18.42 -20.20
C ASN B 95 7.24 -18.76 -18.71
N ASP B 96 6.05 -18.89 -18.15
CA ASP B 96 5.88 -19.14 -16.73
C ASP B 96 6.13 -20.62 -16.45
N ILE B 97 7.39 -20.96 -16.18
CA ILE B 97 7.76 -22.31 -15.81
C ILE B 97 9.13 -22.27 -15.16
N ALA B 98 9.31 -23.08 -14.11
CA ALA B 98 10.57 -23.15 -13.39
C ALA B 98 10.88 -24.59 -13.02
N LEU B 99 12.15 -24.96 -13.11
CA LEU B 99 12.61 -26.34 -12.92
C LEU B 99 13.32 -26.44 -11.58
N LEU B 100 12.72 -27.19 -10.65
CA LEU B 100 13.25 -27.38 -9.30
C LEU B 100 13.94 -28.73 -9.19
N GLN B 101 15.07 -28.76 -8.48
CA GLN B 101 15.82 -29.97 -8.24
C GLN B 101 15.83 -30.31 -6.76
N LEU B 102 15.65 -31.59 -6.44
CA LEU B 102 15.70 -32.07 -5.07
C LEU B 102 17.12 -32.54 -4.73
N LYS B 103 17.52 -32.34 -3.48
CA LYS B 103 18.84 -32.72 -3.03
C LYS B 103 18.79 -34.09 -2.36
N SER B 104 19.74 -34.95 -2.72
CA SER B 104 19.82 -36.29 -2.14
C SER B 104 21.27 -36.75 -2.15
N ASP B 105 21.52 -37.89 -1.51
CA ASP B 105 22.88 -38.40 -1.37
C ASP B 105 23.38 -39.02 -2.68
N SER B 106 22.64 -39.98 -3.23
CA SER B 106 23.14 -40.77 -4.35
C SER B 106 22.25 -40.67 -5.59
N SER B 107 21.96 -39.44 -6.04
CA SER B 107 21.30 -39.18 -7.32
C SER B 107 19.93 -39.85 -7.42
N ARG B 108 19.27 -40.06 -6.29
CA ARG B 108 17.88 -40.53 -6.29
C ARG B 108 17.17 -39.90 -5.10
N CYS B 109 16.02 -39.30 -5.35
CA CYS B 109 15.29 -38.55 -4.34
C CYS B 109 13.98 -39.24 -3.98
N ALA B 110 13.03 -39.29 -4.91
CA ALA B 110 11.73 -39.89 -4.63
C ALA B 110 11.71 -41.35 -5.06
N GLN B 111 10.83 -42.12 -4.45
CA GLN B 111 10.62 -43.52 -4.78
C GLN B 111 9.12 -43.78 -4.92
N GLU B 112 8.76 -44.53 -5.97
CA GLU B 112 7.36 -44.75 -6.30
C GLU B 112 6.61 -45.41 -5.16
N SER B 113 5.34 -45.01 -4.99
CA SER B 113 4.48 -45.55 -3.95
C SER B 113 3.03 -45.36 -4.40
N SER B 114 2.10 -45.49 -3.47
CA SER B 114 0.69 -45.22 -3.74
C SER B 114 0.34 -43.74 -3.59
N VAL B 115 1.20 -42.95 -2.96
CA VAL B 115 0.96 -41.51 -2.81
C VAL B 115 1.99 -40.67 -3.54
N VAL B 116 3.01 -41.29 -4.14
CA VAL B 116 4.11 -40.57 -4.78
C VAL B 116 4.51 -41.33 -6.03
N ARG B 117 4.40 -40.67 -7.18
CA ARG B 117 4.94 -41.20 -8.43
C ARG B 117 4.98 -40.06 -9.44
N THR B 118 5.87 -40.19 -10.42
CA THR B 118 6.04 -39.14 -11.41
C THR B 118 4.85 -39.11 -12.37
N VAL B 119 4.73 -37.99 -13.08
CA VAL B 119 3.68 -37.81 -14.09
C VAL B 119 4.33 -37.83 -15.46
N ALA B 120 3.59 -38.30 -16.46
CA ALA B 120 4.12 -38.44 -17.80
C ALA B 120 4.21 -37.10 -18.49
N LEU B 121 5.27 -36.92 -19.28
CA LEU B 121 5.46 -35.70 -20.05
C LEU B 121 4.69 -35.76 -21.36
N PRO B 122 4.17 -34.63 -21.83
CA PRO B 122 3.38 -34.63 -23.07
C PRO B 122 4.28 -34.74 -24.28
N PRO B 123 3.80 -35.35 -25.36
CA PRO B 123 4.56 -35.33 -26.62
C PRO B 123 4.43 -33.99 -27.33
N ALA B 124 5.51 -33.62 -28.03
CA ALA B 124 5.54 -32.33 -28.72
C ALA B 124 4.52 -32.24 -29.84
N ASP B 125 3.85 -33.35 -30.18
CA ASP B 125 2.83 -33.36 -31.22
C ASP B 125 1.41 -33.36 -30.65
N LEU B 126 1.26 -33.09 -29.35
CA LEU B 126 -0.02 -33.25 -28.67
C LEU B 126 -0.89 -32.01 -28.86
N GLN B 127 -2.00 -32.17 -29.55
CA GLN B 127 -3.03 -31.12 -29.70
C GLN B 127 -4.37 -31.77 -29.41
N LEU B 128 -4.85 -31.62 -28.18
CA LEU B 128 -6.10 -32.26 -27.79
C LEU B 128 -7.28 -31.52 -28.42
N PRO B 129 -8.40 -32.21 -28.63
CA PRO B 129 -9.60 -31.53 -29.16
C PRO B 129 -10.10 -30.48 -28.18
N ASP B 130 -10.88 -29.54 -28.72
CA ASP B 130 -11.36 -28.42 -27.91
C ASP B 130 -12.42 -28.90 -26.92
N TRP B 131 -12.50 -28.19 -25.79
CA TRP B 131 -13.42 -28.52 -24.70
C TRP B 131 -13.14 -29.91 -24.11
N THR B 132 -11.87 -30.26 -23.95
CA THR B 132 -11.51 -31.52 -23.31
C THR B 132 -11.42 -31.33 -21.81
N GLU B 133 -12.05 -32.25 -21.06
CA GLU B 133 -12.12 -32.12 -19.60
C GLU B 133 -10.86 -32.68 -18.96
N CYS B 134 -10.22 -31.86 -18.12
CA CYS B 134 -9.00 -32.25 -17.44
C CYS B 134 -9.07 -31.80 -15.99
N GLU B 135 -8.37 -32.54 -15.13
CA GLU B 135 -8.40 -32.27 -13.70
C GLU B 135 -7.15 -31.53 -13.25
N LEU B 136 -7.33 -30.65 -12.28
CA LEU B 136 -6.24 -29.88 -11.68
C LEU B 136 -6.34 -29.97 -10.16
N SER B 137 -5.22 -29.71 -9.49
CA SER B 137 -5.12 -29.92 -8.05
C SER B 137 -4.27 -28.82 -7.43
N GLY B 138 -4.53 -28.56 -6.15
CA GLY B 138 -3.73 -27.58 -5.41
C GLY B 138 -4.25 -27.40 -4.00
N TYR B 139 -3.51 -26.60 -3.24
CA TYR B 139 -3.86 -26.25 -1.87
C TYR B 139 -4.29 -24.79 -1.73
N GLY B 140 -4.51 -24.10 -2.84
CA GLY B 140 -4.73 -22.68 -2.83
C GLY B 140 -6.06 -22.28 -2.23
N LYS B 141 -6.29 -20.97 -2.21
CA LYS B 141 -7.52 -20.40 -1.66
C LYS B 141 -8.73 -20.94 -2.41
N HIS B 142 -9.89 -20.88 -1.76
CA HIS B 142 -11.09 -21.48 -2.32
C HIS B 142 -11.77 -20.52 -3.31
N GLU B 143 -12.25 -19.39 -2.82
CA GLU B 143 -12.69 -18.32 -3.71
C GLU B 143 -11.58 -17.29 -3.84
N ALA B 144 -11.76 -16.38 -4.80
CA ALA B 144 -10.85 -15.26 -4.92
C ALA B 144 -10.81 -14.41 -3.67
N LEU B 145 -11.83 -14.53 -2.82
CA LEU B 145 -11.99 -13.66 -1.66
C LEU B 145 -11.74 -14.38 -0.34
N SER B 146 -11.51 -15.69 -0.36
CA SER B 146 -11.34 -16.42 0.88
C SER B 146 -10.14 -15.86 1.65
N PRO B 147 -10.25 -15.71 2.96
CA PRO B 147 -9.18 -15.04 3.71
C PRO B 147 -7.89 -15.84 3.74
N GLU B 148 -7.95 -17.07 4.24
CA GLU B 148 -6.80 -17.95 4.32
C GLU B 148 -6.84 -18.98 3.20
N TYR B 149 -5.77 -19.77 3.10
CA TYR B 149 -5.66 -20.79 2.08
C TYR B 149 -6.31 -22.08 2.55
N SER B 150 -6.29 -23.09 1.69
CA SER B 150 -6.94 -24.36 1.98
C SER B 150 -6.07 -25.23 2.87
N GLU B 151 -6.71 -25.94 3.80
CA GLU B 151 -6.00 -26.86 4.67
C GLU B 151 -5.96 -28.28 4.10
N ARG B 152 -6.27 -28.46 2.83
CA ARG B 152 -6.34 -29.79 2.24
C ARG B 152 -6.37 -29.67 0.73
N LEU B 153 -5.85 -30.71 0.05
CA LEU B 153 -5.80 -30.72 -1.41
C LEU B 153 -7.21 -30.78 -2.00
N LYS B 154 -7.47 -29.93 -2.99
CA LYS B 154 -8.73 -29.95 -3.72
C LYS B 154 -8.49 -30.23 -5.19
N GLU B 155 -9.34 -31.07 -5.77
CA GLU B 155 -9.28 -31.39 -7.19
C GLU B 155 -10.52 -30.84 -7.89
N ALA B 156 -10.35 -30.38 -9.12
CA ALA B 156 -11.45 -29.85 -9.90
C ALA B 156 -11.18 -30.16 -11.38
N HIS B 157 -12.26 -30.10 -12.17
CA HIS B 157 -12.18 -30.43 -13.59
C HIS B 157 -12.59 -29.21 -14.42
N VAL B 158 -11.87 -29.01 -15.53
CA VAL B 158 -12.11 -27.89 -16.43
C VAL B 158 -11.94 -28.37 -17.87
N ARG B 159 -12.49 -27.59 -18.80
CA ARG B 159 -12.39 -27.86 -20.23
C ARG B 159 -11.46 -26.85 -20.90
N LEU B 160 -10.92 -27.27 -22.05
CA LEU B 160 -9.91 -26.48 -22.77
C LEU B 160 -10.60 -25.47 -23.67
N TYR B 161 -10.44 -24.19 -23.33
CA TYR B 161 -10.92 -23.13 -24.22
C TYR B 161 -10.15 -23.18 -25.54
N PRO B 162 -10.83 -23.02 -26.67
CA PRO B 162 -10.13 -23.03 -27.96
C PRO B 162 -9.26 -21.77 -28.12
N SER B 163 -8.40 -21.82 -29.14
CA SER B 163 -7.47 -20.72 -29.37
C SER B 163 -8.20 -19.43 -29.73
N SER B 164 -9.41 -19.53 -30.29
CA SER B 164 -10.17 -18.34 -30.64
C SER B 164 -10.68 -17.63 -29.39
N ARG B 165 -11.25 -18.38 -28.45
CA ARG B 165 -11.73 -17.81 -27.20
C ARG B 165 -10.60 -17.50 -26.23
N CYS B 166 -9.35 -17.81 -26.59
CA CYS B 166 -8.20 -17.67 -25.71
C CYS B 166 -7.31 -16.51 -26.13
N THR B 167 -7.93 -15.42 -26.60
CA THR B 167 -7.20 -14.27 -27.11
C THR B 167 -7.06 -13.19 -26.03
N SER B 168 -6.08 -12.30 -26.25
CA SER B 168 -5.88 -11.17 -25.34
C SER B 168 -7.16 -10.37 -25.17
N GLN B 169 -7.90 -10.18 -26.26
CA GLN B 169 -9.18 -9.48 -26.20
C GLN B 169 -10.13 -10.11 -25.19
N HIS B 170 -10.18 -11.43 -25.15
CA HIS B 170 -11.13 -12.15 -24.30
C HIS B 170 -10.68 -12.23 -22.84
N LEU B 171 -9.56 -11.61 -22.48
CA LEU B 171 -9.03 -11.63 -21.12
C LEU B 171 -8.60 -10.23 -20.71
N LEU B 172 -9.53 -9.28 -20.78
CA LEU B 172 -9.32 -7.90 -20.36
C LEU B 172 -8.03 -7.32 -20.93
N GLN B 173 -7.85 -7.48 -22.24
CA GLN B 173 -6.78 -6.89 -23.02
C GLN B 173 -5.41 -7.41 -22.62
N ARG B 174 -5.31 -8.27 -21.61
CA ARG B 174 -4.02 -8.70 -21.11
C ARG B 174 -3.31 -9.59 -22.13
N THR B 175 -1.98 -9.57 -22.09
CA THR B 175 -1.20 -10.35 -23.03
C THR B 175 -1.46 -11.84 -22.85
N VAL B 176 -1.73 -12.52 -23.96
CA VAL B 176 -1.85 -13.97 -23.99
C VAL B 176 -1.04 -14.45 -25.19
N THR B 177 -0.16 -15.42 -24.95
CA THR B 177 0.78 -15.88 -25.97
C THR B 177 0.54 -17.36 -26.26
N ASP B 178 1.20 -17.84 -27.31
CA ASP B 178 1.10 -19.23 -27.72
C ASP B 178 1.81 -20.18 -26.78
N ASN B 179 2.61 -19.67 -25.84
CA ASN B 179 3.14 -20.49 -24.76
C ASN B 179 2.13 -20.66 -23.62
N MET B 180 0.97 -20.03 -23.74
CA MET B 180 -0.06 -20.12 -22.71
C MET B 180 -1.13 -21.12 -23.15
N LEU B 181 -2.18 -21.23 -22.35
CA LEU B 181 -3.23 -22.23 -22.54
C LEU B 181 -4.42 -21.84 -21.70
N CYS B 182 -5.60 -21.86 -22.29
CA CYS B 182 -6.80 -21.45 -21.59
C CYS B 182 -7.64 -22.66 -21.18
N ALA B 183 -8.30 -22.53 -20.03
CA ALA B 183 -9.11 -23.60 -19.47
C ALA B 183 -10.03 -23.03 -18.42
N GLY B 184 -11.29 -23.46 -18.43
CA GLY B 184 -12.25 -23.01 -17.45
C GLY B 184 -13.45 -23.93 -17.44
N ASP B 185 -14.37 -23.66 -16.51
CA ASP B 185 -15.62 -24.39 -16.42
C ASP B 185 -16.66 -23.70 -17.29
N THR B 186 -17.31 -24.47 -18.16
CA THR B 186 -18.21 -23.91 -19.18
C THR B 186 -19.66 -24.30 -18.92
N ARG B 187 -20.12 -24.18 -17.68
CA ARG B 187 -21.49 -24.53 -17.36
C ARG B 187 -22.42 -23.35 -17.67
N SER B 188 -23.70 -23.52 -17.37
CA SER B 188 -24.71 -22.51 -17.67
C SER B 188 -25.07 -21.71 -16.42
N GLN B 192 -27.08 -22.72 -10.24
CA GLN B 192 -25.95 -23.51 -10.69
C GLN B 192 -24.71 -22.64 -10.85
N ALA B 193 -24.01 -22.41 -9.74
CA ALA B 193 -22.80 -21.60 -9.76
C ALA B 193 -21.60 -22.41 -9.25
N ASN B 194 -20.59 -21.71 -8.71
CA ASN B 194 -19.37 -22.32 -8.21
C ASN B 194 -18.67 -23.13 -9.30
N LEU B 195 -18.25 -22.41 -10.34
CA LEU B 195 -17.55 -23.03 -11.46
C LEU B 195 -16.14 -23.41 -11.07
N HIS B 196 -15.61 -24.44 -11.72
CA HIS B 196 -14.29 -24.96 -11.39
C HIS B 196 -13.20 -24.14 -12.07
N ASP B 197 -12.17 -23.79 -11.30
CA ASP B 197 -11.03 -23.00 -11.75
C ASP B 197 -9.98 -23.02 -10.65
N ALA B 198 -8.72 -22.86 -11.05
CA ALA B 198 -7.65 -22.70 -10.08
C ALA B 198 -7.79 -21.36 -9.35
N CYS B 199 -6.97 -21.15 -8.34
CA CYS B 199 -7.08 -19.95 -7.53
C CYS B 199 -5.74 -19.64 -6.88
N GLN B 200 -5.71 -18.52 -6.14
CA GLN B 200 -4.51 -18.07 -5.43
C GLN B 200 -3.89 -19.17 -4.59
N GLY B 201 -2.73 -19.65 -4.99
CA GLY B 201 -2.03 -20.69 -4.26
C GLY B 201 -1.83 -22.00 -5.01
N ASP B 202 -2.24 -22.10 -6.28
CA ASP B 202 -2.05 -23.32 -7.04
C ASP B 202 -1.00 -23.20 -8.14
N ALA B 203 -0.36 -22.04 -8.25
CA ALA B 203 0.63 -21.82 -9.29
C ALA B 203 1.72 -22.88 -9.22
N GLY B 204 2.16 -23.33 -10.39
CA GLY B 204 3.04 -24.48 -10.46
C GLY B 204 2.35 -25.82 -10.32
N GLY B 205 1.02 -25.83 -10.22
CA GLY B 205 0.27 -27.06 -10.10
C GLY B 205 -0.05 -27.67 -11.45
N PRO B 206 -0.57 -28.89 -11.45
CA PRO B 206 -0.75 -29.63 -12.70
C PRO B 206 -2.10 -29.40 -13.35
N LEU B 207 -2.12 -29.60 -14.66
CA LEU B 207 -3.35 -29.70 -15.44
C LEU B 207 -3.21 -30.97 -16.27
N VAL B 208 -3.80 -32.06 -15.80
CA VAL B 208 -3.57 -33.39 -16.34
C VAL B 208 -4.78 -33.79 -17.17
N CYS B 209 -4.52 -34.30 -18.38
CA CYS B 209 -5.54 -34.82 -19.27
C CYS B 209 -5.22 -36.26 -19.63
N LEU B 210 -6.23 -36.96 -20.16
CA LEU B 210 -6.06 -38.34 -20.59
C LEU B 210 -5.62 -38.37 -22.05
N ASN B 211 -4.41 -38.87 -22.29
CA ASN B 211 -3.88 -39.03 -23.65
C ASN B 211 -3.43 -40.46 -23.83
N ASP B 212 -4.02 -41.16 -24.80
CA ASP B 212 -3.76 -42.58 -25.03
C ASP B 212 -3.95 -43.38 -23.74
N GLY B 213 -5.05 -43.08 -23.05
CA GLY B 213 -5.35 -43.74 -21.79
C GLY B 213 -4.36 -43.44 -20.69
N ARG B 214 -3.57 -42.39 -20.83
CA ARG B 214 -2.49 -42.08 -19.90
C ARG B 214 -2.67 -40.65 -19.42
N MET B 215 -2.80 -40.48 -18.10
CA MET B 215 -2.89 -39.15 -17.52
C MET B 215 -1.56 -38.43 -17.70
N THR B 216 -1.53 -37.45 -18.59
CA THR B 216 -0.30 -36.76 -18.97
C THR B 216 -0.38 -35.29 -18.60
N LEU B 217 0.74 -34.74 -18.14
CA LEU B 217 0.81 -33.33 -17.76
C LEU B 217 0.68 -32.46 -19.00
N VAL B 218 -0.30 -31.56 -18.98
CA VAL B 218 -0.62 -30.71 -20.12
C VAL B 218 -0.26 -29.26 -19.85
N GLY B 219 -0.68 -28.73 -18.72
CA GLY B 219 -0.46 -27.33 -18.41
C GLY B 219 -0.05 -27.15 -16.96
N ILE B 220 0.73 -26.09 -16.73
CA ILE B 220 1.15 -25.69 -15.39
C ILE B 220 0.37 -24.43 -15.01
N ILE B 221 -0.28 -24.48 -13.84
CA ILE B 221 -1.15 -23.40 -13.42
C ILE B 221 -0.35 -22.11 -13.36
N SER B 222 -0.73 -21.13 -14.18
CA SER B 222 0.02 -19.88 -14.31
C SER B 222 -0.76 -18.71 -13.71
N TRP B 223 -1.84 -18.27 -14.33
CA TRP B 223 -2.55 -17.08 -13.86
C TRP B 223 -3.99 -17.15 -14.35
N GLY B 224 -4.64 -15.99 -14.36
CA GLY B 224 -6.04 -15.89 -14.70
C GLY B 224 -6.71 -14.80 -13.89
N LEU B 225 -7.64 -14.06 -14.50
CA LEU B 225 -8.32 -12.99 -13.80
C LEU B 225 -9.38 -13.58 -12.86
N GLY B 226 -9.00 -14.60 -12.11
CA GLY B 226 -9.93 -15.36 -11.30
C GLY B 226 -10.42 -14.61 -10.08
N CYS B 227 -10.96 -15.37 -9.14
CA CYS B 227 -11.00 -16.82 -9.22
C CYS B 227 -12.38 -17.34 -9.61
N GLY B 228 -12.39 -18.31 -10.52
CA GLY B 228 -13.62 -18.93 -10.97
C GLY B 228 -14.66 -17.95 -11.46
N GLN B 229 -14.50 -17.42 -12.67
CA GLN B 229 -15.46 -16.52 -13.27
C GLN B 229 -16.11 -17.19 -14.47
N LYS B 230 -17.34 -16.75 -14.77
CA LYS B 230 -18.07 -17.30 -15.91
C LYS B 230 -17.52 -16.74 -17.20
N ASP B 231 -17.19 -17.63 -18.14
CA ASP B 231 -16.69 -17.27 -19.47
C ASP B 231 -15.42 -16.45 -19.41
N VAL B 232 -14.71 -16.50 -18.28
CA VAL B 232 -13.40 -15.88 -18.13
C VAL B 232 -12.42 -16.98 -17.74
N PRO B 233 -11.78 -17.62 -18.72
CA PRO B 233 -11.03 -18.85 -18.42
C PRO B 233 -9.78 -18.57 -17.60
N GLY B 234 -9.19 -19.66 -17.13
CA GLY B 234 -7.89 -19.58 -16.49
C GLY B 234 -6.78 -19.80 -17.50
N VAL B 235 -5.63 -19.17 -17.26
CA VAL B 235 -4.49 -19.22 -18.17
C VAL B 235 -3.45 -20.16 -17.59
N TYR B 236 -2.81 -20.94 -18.46
CA TYR B 236 -1.88 -21.98 -18.04
C TYR B 236 -0.63 -21.93 -18.91
N THR B 237 0.39 -22.69 -18.53
CA THR B 237 1.63 -22.74 -19.29
C THR B 237 1.60 -23.96 -20.21
N LYS B 238 1.81 -23.71 -21.51
CA LYS B 238 1.72 -24.76 -22.51
C LYS B 238 2.98 -25.64 -22.40
N VAL B 239 2.85 -26.76 -21.69
CA VAL B 239 4.01 -27.58 -21.34
C VAL B 239 4.66 -28.15 -22.59
N THR B 240 3.86 -28.49 -23.59
CA THR B 240 4.38 -29.17 -24.77
C THR B 240 5.44 -28.36 -25.50
N ASN B 241 5.50 -27.05 -25.26
CA ASN B 241 6.49 -26.21 -25.94
C ASN B 241 7.85 -26.21 -25.26
N TYR B 242 7.93 -26.67 -24.00
CA TYR B 242 9.15 -26.58 -23.22
C TYR B 242 9.79 -27.95 -22.97
N LEU B 243 9.39 -28.98 -23.73
CA LEU B 243 10.00 -30.30 -23.57
C LEU B 243 11.49 -30.24 -23.83
N ASP B 244 11.90 -29.49 -24.85
CA ASP B 244 13.32 -29.30 -25.12
C ASP B 244 13.97 -28.36 -24.11
N TRP B 245 13.19 -27.71 -23.26
CA TRP B 245 13.72 -26.99 -22.10
C TRP B 245 13.86 -27.89 -20.88
N ILE B 246 12.87 -28.75 -20.67
CA ILE B 246 12.98 -29.78 -19.64
C ILE B 246 14.15 -30.70 -19.95
N ARG B 247 14.18 -31.26 -21.17
CA ARG B 247 15.19 -32.23 -21.53
C ARG B 247 16.60 -31.63 -21.51
N ASP B 248 16.77 -30.47 -22.16
CA ASP B 248 18.10 -29.88 -22.27
C ASP B 248 18.68 -29.53 -20.91
N ASN B 249 17.82 -29.13 -19.96
CA ASN B 249 18.31 -28.88 -18.61
C ASN B 249 18.48 -30.18 -17.85
N MET B 250 18.45 -30.12 -16.52
CA MET B 250 18.47 -31.28 -15.62
C MET B 250 19.51 -32.33 -16.02
N ARG B 251 20.74 -31.88 -16.18
CA ARG B 251 21.88 -32.75 -16.45
C ARG B 251 23.09 -32.17 -15.72
#